data_6D9T
#
_entry.id   6D9T
#
_cell.length_a   135.380
_cell.length_b   135.380
_cell.length_c   135.380
_cell.angle_alpha   90.000
_cell.angle_beta   90.000
_cell.angle_gamma   90.000
#
_symmetry.space_group_name_H-M   'P 2 3'
#
loop_
_entity.id
_entity.type
_entity.pdbx_description
1 polymer 'Glycosyl transferase'
2 non-polymer "URIDINE-5'-DIPHOSPHATE"
3 water water
#
_entity_poly.entity_id   1
_entity_poly.type   'polypeptide(L)'
_entity_poly.pdbx_seq_one_letter_code
;MGSSHHHHHHSSENLYFQGHMKIGITCYPSMGGSGIIATELGIKLAERGHEVHFITSNIPFRIRKPLPNMIFHQVEVNQY
AVFQYPPYDITLSTKIAEVIKEYDLDLLHMHYAVPHAICGILAREMSGKDIKIMTTLHGTDITVLGYDHSLQGAIKFGIE
KSDIVTSVSKSLAQETHEIIETNKEIIPIYNFVRENEFPTKHNTALKSQFGIAPDEKVLIHVSNFRQVKRIDTIIETFAK
VREKIPSKLILLGDGPELVPMRQLTKELNVEEDVLFLGKQDCVSEFYQLSDLVLLLSEKESFGLTLLEAMKTGVVPIGSN
AGGIKEVIKHGETGFVVDVGDCDSASDYAIRLLEDKVLYNKLQKNMLADIAERFGSELITDQYEYYYQKMLNEHNKSKGE
;
_entity_poly.pdbx_strand_id   A
#
# COMPACT_ATOMS: atom_id res chain seq x y z
N GLN A 18 5.54 -17.54 -23.45
CA GLN A 18 4.67 -17.66 -22.28
C GLN A 18 5.04 -18.87 -21.41
N GLY A 19 4.50 -18.90 -20.19
CA GLY A 19 4.84 -19.95 -19.25
C GLY A 19 5.74 -19.49 -18.12
N HIS A 20 6.56 -20.42 -17.62
CA HIS A 20 7.37 -20.22 -16.43
C HIS A 20 8.37 -19.08 -16.64
N MET A 21 8.50 -18.22 -15.62
CA MET A 21 9.46 -17.12 -15.64
C MET A 21 10.34 -17.15 -14.40
N LYS A 22 11.56 -16.67 -14.57
CA LYS A 22 12.52 -16.49 -13.48
C LYS A 22 12.58 -14.98 -13.20
N ILE A 23 12.09 -14.57 -12.03
CA ILE A 23 11.77 -13.17 -11.75
C ILE A 23 12.57 -12.71 -10.55
N GLY A 24 13.21 -11.54 -10.66
CA GLY A 24 13.81 -10.85 -9.52
C GLY A 24 12.96 -9.66 -9.12
N ILE A 25 12.64 -9.59 -7.82
CA ILE A 25 11.77 -8.54 -7.28
C ILE A 25 12.56 -7.74 -6.25
N THR A 26 12.52 -6.42 -6.37
CA THR A 26 13.15 -5.58 -5.36
C THR A 26 12.14 -4.56 -4.87
N CYS A 27 12.01 -4.46 -3.55
CA CYS A 27 11.18 -3.46 -2.90
C CYS A 27 11.79 -3.20 -1.53
N TYR A 28 11.17 -2.28 -0.78
CA TYR A 28 11.43 -2.19 0.65
C TYR A 28 10.39 -3.06 1.34
N PRO A 29 10.73 -4.27 1.80
CA PRO A 29 9.67 -5.20 2.27
C PRO A 29 8.83 -4.66 3.42
N SER A 30 9.32 -3.70 4.21
CA SER A 30 8.59 -3.22 5.37
C SER A 30 7.99 -1.83 5.22
N MET A 31 8.26 -1.15 4.13
CA MET A 31 7.72 0.16 4.00
C MET A 31 6.32 0.14 3.40
N GLY A 32 5.35 0.37 4.27
CA GLY A 32 3.96 0.45 3.95
C GLY A 32 3.33 -0.54 3.01
N GLY A 33 2.35 -0.03 2.30
CA GLY A 33 1.61 -0.79 1.35
C GLY A 33 2.44 -1.38 0.25
N SER A 34 3.35 -0.59 -0.29
CA SER A 34 4.17 -1.01 -1.36
C SER A 34 4.95 -2.28 -1.07
N GLY A 35 5.54 -2.37 0.09
CA GLY A 35 6.31 -3.56 0.43
C GLY A 35 5.43 -4.79 0.59
N ILE A 36 4.22 -4.60 1.13
CA ILE A 36 3.25 -5.69 1.25
C ILE A 36 2.84 -6.18 -0.13
N ILE A 37 2.51 -5.24 -1.03
CA ILE A 37 2.07 -5.60 -2.37
C ILE A 37 3.16 -6.37 -3.10
N ALA A 38 4.39 -5.85 -3.09
CA ALA A 38 5.47 -6.51 -3.83
C ALA A 38 5.71 -7.92 -3.30
N THR A 39 5.65 -8.08 -1.97
CA THR A 39 5.88 -9.39 -1.38
C THR A 39 4.73 -10.35 -1.72
N GLU A 40 3.48 -9.91 -1.51
CA GLU A 40 2.33 -10.78 -1.79
C GLU A 40 2.25 -11.15 -3.26
N LEU A 41 2.60 -10.21 -4.16
CA LEU A 41 2.65 -10.54 -5.58
C LEU A 41 3.68 -11.65 -5.85
N GLY A 42 4.88 -11.51 -5.29
CA GLY A 42 5.87 -12.57 -5.45
C GLY A 42 5.39 -13.91 -4.94
N ILE A 43 4.70 -13.90 -3.80
CA ILE A 43 4.17 -15.16 -3.26
C ILE A 43 3.14 -15.76 -4.21
N LYS A 44 2.21 -14.94 -4.72
CA LYS A 44 1.25 -15.43 -5.70
C LYS A 44 1.93 -16.04 -6.91
N LEU A 45 2.97 -15.37 -7.43
CA LEU A 45 3.69 -15.88 -8.59
C LEU A 45 4.38 -17.19 -8.27
N ALA A 46 4.99 -17.29 -7.06
CA ALA A 46 5.67 -18.52 -6.67
C ALA A 46 4.66 -19.66 -6.49
N GLU A 47 3.48 -19.36 -5.96
CA GLU A 47 2.47 -20.41 -5.80
C GLU A 47 2.00 -20.94 -7.15
N ARG A 48 2.10 -20.14 -8.21
CA ARG A 48 1.78 -20.61 -9.55
C ARG A 48 2.88 -21.46 -10.15
N GLY A 49 4.07 -21.44 -9.56
CA GLY A 49 5.21 -22.19 -10.07
C GLY A 49 6.29 -21.35 -10.70
N HIS A 50 6.16 -20.03 -10.78
CA HIS A 50 7.28 -19.23 -11.25
C HIS A 50 8.42 -19.31 -10.25
N GLU A 51 9.64 -19.05 -10.72
CA GLU A 51 10.80 -19.01 -9.84
C GLU A 51 11.03 -17.57 -9.43
N VAL A 52 10.84 -17.30 -8.13
CA VAL A 52 10.75 -15.94 -7.62
C VAL A 52 11.95 -15.69 -6.69
N HIS A 53 12.71 -14.64 -6.99
CA HIS A 53 13.86 -14.23 -6.19
C HIS A 53 13.61 -12.82 -5.68
N PHE A 54 13.49 -12.65 -4.37
CA PHE A 54 13.51 -11.31 -3.78
C PHE A 54 14.96 -10.91 -3.55
N ILE A 55 15.27 -9.64 -3.82
CA ILE A 55 16.60 -9.09 -3.57
C ILE A 55 16.38 -7.76 -2.87
N THR A 56 16.62 -7.72 -1.57
CA THR A 56 16.35 -6.55 -0.76
C THR A 56 17.54 -6.35 0.17
N SER A 57 17.52 -5.26 0.93
CA SER A 57 18.45 -5.14 2.03
C SER A 57 17.99 -6.06 3.15
N ASN A 58 18.81 -6.20 4.21
CA ASN A 58 18.48 -7.16 5.25
C ASN A 58 17.35 -6.57 6.11
N ILE A 59 16.15 -6.69 5.57
CA ILE A 59 14.91 -6.24 6.20
C ILE A 59 13.96 -7.44 6.17
N PRO A 60 13.49 -7.84 7.33
CA PRO A 60 12.57 -8.97 7.56
C PRO A 60 11.32 -8.99 6.66
N PHE A 61 10.77 -10.19 6.47
CA PHE A 61 9.66 -10.53 5.59
C PHE A 61 8.45 -11.32 6.17
N ARG A 62 8.68 -12.23 7.09
CA ARG A 62 7.63 -12.98 7.74
C ARG A 62 6.87 -13.99 6.89
N ILE A 63 7.53 -14.67 5.97
CA ILE A 63 6.91 -15.65 5.10
C ILE A 63 6.48 -16.84 5.93
N ARG A 64 5.25 -17.28 5.77
CA ARG A 64 4.72 -18.39 6.53
C ARG A 64 5.04 -19.78 6.02
N LYS A 65 5.05 -19.96 4.71
CA LYS A 65 5.34 -21.29 4.17
C LYS A 65 6.56 -21.18 3.25
N PRO A 66 7.66 -21.85 3.55
CA PRO A 66 8.80 -21.85 2.63
C PRO A 66 8.44 -22.56 1.33
N LEU A 67 8.92 -22.01 0.22
CA LEU A 67 8.75 -22.67 -1.06
C LEU A 67 10.12 -22.86 -1.70
N PRO A 68 10.37 -24.02 -2.33
CA PRO A 68 11.67 -24.22 -2.97
C PRO A 68 11.92 -23.29 -4.14
N ASN A 69 10.87 -22.74 -4.75
CA ASN A 69 11.01 -21.87 -5.91
C ASN A 69 10.88 -20.39 -5.55
N MET A 70 11.00 -20.05 -4.25
CA MET A 70 10.95 -18.66 -3.79
C MET A 70 12.12 -18.42 -2.85
N ILE A 71 13.08 -17.61 -3.28
CA ILE A 71 14.33 -17.42 -2.56
C ILE A 71 14.49 -15.95 -2.21
N PHE A 72 14.83 -15.68 -0.96
CA PHE A 72 15.01 -14.32 -0.44
C PHE A 72 16.49 -14.05 -0.33
N HIS A 73 16.99 -13.19 -1.20
CA HIS A 73 18.38 -12.74 -1.17
C HIS A 73 18.43 -11.41 -0.45
N GLN A 74 19.38 -11.25 0.47
CA GLN A 74 19.42 -10.02 1.24
C GLN A 74 20.86 -9.55 1.36
N VAL A 75 21.00 -8.24 1.42
CA VAL A 75 22.32 -7.63 1.36
C VAL A 75 22.47 -6.71 2.57
N GLU A 76 23.65 -6.74 3.20
CA GLU A 76 24.01 -5.80 4.25
C GLU A 76 24.59 -4.54 3.62
N VAL A 77 24.22 -3.37 4.15
CA VAL A 77 24.78 -2.10 3.71
C VAL A 77 25.66 -1.55 4.84
N ASN A 78 26.94 -1.78 4.73
CA ASN A 78 27.87 -1.33 5.73
C ASN A 78 28.58 -0.06 5.35
N GLN A 79 29.11 0.71 6.31
CA GLN A 79 29.81 1.96 5.98
C GLN A 79 31.34 1.93 5.72
N TYR A 80 32.11 1.05 6.36
CA TYR A 80 33.61 0.81 6.14
C TYR A 80 34.77 1.82 6.44
N ALA A 81 34.39 3.02 6.74
CA ALA A 81 35.23 4.19 6.95
C ALA A 81 35.68 4.87 5.67
N VAL A 82 35.39 4.29 4.53
CA VAL A 82 35.70 4.94 3.30
C VAL A 82 34.47 5.60 2.68
N PHE A 83 33.32 4.97 2.72
CA PHE A 83 32.11 5.57 2.15
C PHE A 83 31.59 6.68 3.07
N GLN A 84 31.22 7.83 2.49
CA GLN A 84 30.59 8.87 3.30
C GLN A 84 29.16 8.50 3.66
N TYR A 85 28.50 7.73 2.81
CA TYR A 85 27.14 7.25 3.03
C TYR A 85 27.11 5.75 2.78
N PRO A 86 26.24 5.02 3.48
CA PRO A 86 26.07 3.59 3.19
C PRO A 86 25.65 3.38 1.75
N PRO A 87 26.39 2.58 0.99
CA PRO A 87 26.16 2.49 -0.46
C PRO A 87 25.07 1.49 -0.82
N TYR A 88 23.83 1.84 -0.46
CA TYR A 88 22.68 0.99 -0.74
C TYR A 88 22.55 0.68 -2.22
N ASP A 89 22.50 1.73 -3.04
CA ASP A 89 22.23 1.54 -4.46
C ASP A 89 23.24 0.57 -5.07
N ILE A 90 24.53 0.74 -4.76
CA ILE A 90 25.55 -0.09 -5.39
C ILE A 90 25.53 -1.52 -4.84
N THR A 91 25.41 -1.66 -3.52
CA THR A 91 25.37 -2.99 -2.93
C THR A 91 24.16 -3.77 -3.41
N LEU A 92 23.00 -3.13 -3.49
CA LEU A 92 21.81 -3.80 -4.00
C LEU A 92 21.97 -4.18 -5.47
N SER A 93 22.46 -3.24 -6.29
CA SER A 93 22.61 -3.54 -7.71
C SER A 93 23.59 -4.69 -7.93
N THR A 94 24.66 -4.73 -7.13
CA THR A 94 25.63 -5.83 -7.24
C THR A 94 24.97 -7.16 -6.90
N LYS A 95 24.13 -7.16 -5.87
CA LYS A 95 23.47 -8.40 -5.47
C LYS A 95 22.46 -8.85 -6.53
N ILE A 96 21.66 -7.91 -7.07
CA ILE A 96 20.75 -8.26 -8.17
C ILE A 96 21.52 -8.87 -9.32
N ALA A 97 22.65 -8.25 -9.69
CA ALA A 97 23.42 -8.75 -10.82
C ALA A 97 23.95 -10.15 -10.53
N GLU A 98 24.32 -10.42 -9.29
CA GLU A 98 24.83 -11.74 -8.95
C GLU A 98 23.71 -12.80 -9.03
N VAL A 99 22.48 -12.43 -8.66
CA VAL A 99 21.36 -13.35 -8.81
C VAL A 99 21.01 -13.55 -10.28
N ILE A 100 21.04 -12.48 -11.08
CA ILE A 100 20.82 -12.62 -12.52
C ILE A 100 21.75 -13.66 -13.13
N LYS A 101 23.03 -13.58 -12.76
CA LYS A 101 24.02 -14.48 -13.35
C LYS A 101 23.88 -15.89 -12.82
N GLU A 102 23.64 -16.02 -11.50
CA GLU A 102 23.58 -17.34 -10.89
C GLU A 102 22.32 -18.11 -11.29
N TYR A 103 21.19 -17.43 -11.48
CA TYR A 103 19.93 -18.12 -11.72
C TYR A 103 19.35 -17.84 -13.11
N ASP A 104 20.05 -17.08 -13.94
CA ASP A 104 19.63 -16.76 -15.31
C ASP A 104 18.23 -16.15 -15.35
N LEU A 105 18.02 -15.11 -14.54
CA LEU A 105 16.72 -14.45 -14.45
C LEU A 105 16.25 -13.92 -15.80
N ASP A 106 14.93 -14.00 -16.03
CA ASP A 106 14.32 -13.46 -17.24
C ASP A 106 14.02 -11.97 -17.13
N LEU A 107 13.61 -11.51 -15.94
CA LEU A 107 13.15 -10.14 -15.81
C LEU A 107 13.31 -9.70 -14.37
N LEU A 108 13.31 -8.38 -14.20
CA LEU A 108 13.31 -7.73 -12.91
C LEU A 108 11.99 -6.99 -12.75
N HIS A 109 11.46 -7.03 -11.53
CA HIS A 109 10.31 -6.20 -11.17
C HIS A 109 10.75 -5.31 -10.02
N MET A 110 10.99 -4.03 -10.33
CA MET A 110 11.46 -3.02 -9.38
C MET A 110 10.29 -2.17 -8.91
N HIS A 111 10.20 -1.97 -7.59
CA HIS A 111 9.16 -1.12 -7.02
C HIS A 111 9.78 0.21 -6.61
N TYR A 112 9.28 1.30 -7.22
CA TYR A 112 9.73 2.69 -7.11
C TYR A 112 10.70 3.00 -8.24
N ALA A 113 10.51 4.14 -8.91
CA ALA A 113 11.50 4.59 -9.87
C ALA A 113 12.86 4.84 -9.20
N VAL A 114 12.85 5.47 -8.02
CA VAL A 114 14.05 5.64 -7.22
C VAL A 114 13.78 5.06 -5.84
N PRO A 115 14.70 4.27 -5.27
CA PRO A 115 15.96 3.98 -5.96
C PRO A 115 15.89 2.78 -6.93
N HIS A 116 14.78 2.03 -6.92
CA HIS A 116 14.87 0.63 -7.35
C HIS A 116 14.90 0.45 -8.86
N ALA A 117 14.15 1.24 -9.64
CA ALA A 117 14.32 1.14 -11.09
C ALA A 117 15.77 1.39 -11.49
N ILE A 118 16.41 2.39 -10.87
CA ILE A 118 17.81 2.69 -11.19
C ILE A 118 18.70 1.51 -10.81
N CYS A 119 18.47 0.92 -9.62
CA CYS A 119 19.24 -0.27 -9.23
C CYS A 119 19.09 -1.39 -10.24
N GLY A 120 17.87 -1.63 -10.73
CA GLY A 120 17.68 -2.67 -11.71
C GLY A 120 18.40 -2.37 -13.02
N ILE A 121 18.35 -1.11 -13.43
CA ILE A 121 19.04 -0.69 -14.65
C ILE A 121 20.55 -0.86 -14.49
N LEU A 122 21.08 -0.46 -13.33
CA LEU A 122 22.51 -0.68 -13.08
C LEU A 122 22.83 -2.17 -13.02
N ALA A 123 21.99 -2.96 -12.35
CA ALA A 123 22.24 -4.41 -12.27
C ALA A 123 22.22 -5.05 -13.65
N ARG A 124 21.36 -4.57 -14.55
CA ARG A 124 21.37 -5.07 -15.92
C ARG A 124 22.75 -4.87 -16.56
N GLU A 125 23.32 -3.66 -16.42
CA GLU A 125 24.66 -3.41 -16.94
C GLU A 125 25.67 -4.35 -16.30
N MET A 126 25.64 -4.44 -14.97
CA MET A 126 26.62 -5.27 -14.27
C MET A 126 26.51 -6.73 -14.67
N SER A 127 25.31 -7.22 -14.99
CA SER A 127 25.13 -8.63 -15.29
C SER A 127 25.59 -9.00 -16.69
N GLY A 128 25.67 -8.03 -17.60
CA GLY A 128 25.95 -8.32 -18.99
C GLY A 128 24.82 -9.00 -19.73
N LYS A 129 23.65 -9.18 -19.12
CA LYS A 129 22.50 -9.79 -19.77
C LYS A 129 21.46 -8.73 -20.08
N ASP A 130 20.85 -8.79 -21.25
CA ASP A 130 19.79 -7.84 -21.60
C ASP A 130 18.48 -8.34 -21.00
N ILE A 131 18.38 -8.22 -19.70
CA ILE A 131 17.20 -8.59 -18.93
C ILE A 131 16.14 -7.51 -19.08
N LYS A 132 14.87 -7.92 -19.06
CA LYS A 132 13.75 -6.97 -19.11
C LYS A 132 13.44 -6.45 -17.72
N ILE A 133 12.97 -5.20 -17.64
CA ILE A 133 12.71 -4.57 -16.35
C ILE A 133 11.31 -3.96 -16.38
N MET A 134 10.45 -4.41 -15.47
CA MET A 134 9.20 -3.72 -15.17
C MET A 134 9.42 -2.88 -13.92
N THR A 135 8.97 -1.63 -13.95
CA THR A 135 8.96 -0.77 -12.78
C THR A 135 7.52 -0.45 -12.41
N THR A 136 7.18 -0.59 -11.14
CA THR A 136 5.87 -0.21 -10.61
C THR A 136 5.99 1.03 -9.74
N LEU A 137 5.20 2.04 -10.08
CA LEU A 137 5.13 3.29 -9.35
C LEU A 137 4.06 3.20 -8.27
N HIS A 138 4.42 3.57 -7.05
CA HIS A 138 3.49 3.55 -5.92
C HIS A 138 3.14 4.95 -5.43
N GLY A 139 3.73 5.98 -6.00
CA GLY A 139 3.47 7.35 -5.58
C GLY A 139 4.63 7.99 -4.84
N THR A 140 5.61 7.20 -4.37
CA THR A 140 6.72 7.79 -3.60
C THR A 140 7.57 8.71 -4.47
N ASP A 141 7.63 8.45 -5.79
CA ASP A 141 8.42 9.33 -6.65
C ASP A 141 7.83 10.72 -6.73
N ILE A 142 6.50 10.84 -6.67
CA ILE A 142 5.87 12.16 -6.58
C ILE A 142 6.24 12.82 -5.26
N THR A 143 6.13 12.07 -4.17
CA THR A 143 6.43 12.59 -2.83
C THR A 143 7.85 13.15 -2.75
N VAL A 144 8.83 12.40 -3.23
CA VAL A 144 10.23 12.85 -3.23
C VAL A 144 10.36 14.21 -3.91
N LEU A 145 9.73 14.34 -5.08
CA LEU A 145 9.85 15.57 -5.85
C LEU A 145 9.14 16.74 -5.19
N GLY A 146 8.11 16.45 -4.39
CA GLY A 146 7.51 17.50 -3.59
C GLY A 146 8.49 18.12 -2.61
N TYR A 147 9.47 17.35 -2.16
CA TYR A 147 10.42 17.89 -1.19
C TYR A 147 11.57 18.62 -1.86
N ASP A 148 12.13 18.05 -2.92
CA ASP A 148 13.09 18.80 -3.74
C ASP A 148 13.30 18.08 -5.06
N HIS A 149 13.72 18.85 -6.04
CA HIS A 149 13.78 18.39 -7.41
C HIS A 149 15.14 17.81 -7.82
N SER A 150 16.03 17.52 -6.86
N SER A 150 16.01 17.49 -6.85
CA SER A 150 17.32 16.93 -7.24
CA SER A 150 17.32 16.93 -7.20
C SER A 150 17.12 15.68 -8.09
C SER A 150 17.19 15.62 -7.97
N LEU A 151 16.14 14.85 -7.75
CA LEU A 151 15.97 13.54 -8.38
C LEU A 151 15.06 13.54 -9.60
N GLN A 152 14.62 14.71 -10.07
CA GLN A 152 13.74 14.78 -11.22
C GLN A 152 14.28 13.98 -12.41
N GLY A 153 15.57 14.16 -12.73
CA GLY A 153 16.14 13.47 -13.87
C GLY A 153 16.33 11.98 -13.66
N ALA A 154 16.60 11.57 -12.42
CA ALA A 154 16.72 10.15 -12.11
C ALA A 154 15.38 9.45 -12.26
N ILE A 155 14.29 10.10 -11.80
CA ILE A 155 12.98 9.50 -11.89
C ILE A 155 12.56 9.36 -13.35
N LYS A 156 12.77 10.41 -14.16
CA LYS A 156 12.49 10.31 -15.60
C LYS A 156 13.30 9.20 -16.25
N PHE A 157 14.58 9.08 -15.90
CA PHE A 157 15.42 8.04 -16.49
C PHE A 157 14.97 6.64 -16.07
N GLY A 158 14.69 6.45 -14.78
CA GLY A 158 14.24 5.14 -14.33
C GLY A 158 12.95 4.70 -15.00
N ILE A 159 12.02 5.65 -15.17
CA ILE A 159 10.78 5.37 -15.90
C ILE A 159 11.07 5.04 -17.36
N GLU A 160 11.85 5.90 -18.03
CA GLU A 160 11.98 5.77 -19.48
C GLU A 160 12.86 4.60 -19.87
N LYS A 161 13.82 4.20 -19.03
CA LYS A 161 14.66 3.07 -19.38
C LYS A 161 14.11 1.74 -18.87
N SER A 162 12.99 1.74 -18.15
CA SER A 162 12.28 0.51 -17.85
C SER A 162 11.57 0.01 -19.12
N ASP A 163 11.43 -1.31 -19.24
CA ASP A 163 10.75 -1.83 -20.42
C ASP A 163 9.24 -1.65 -20.34
N ILE A 164 8.64 -1.87 -19.16
CA ILE A 164 7.24 -1.55 -18.91
C ILE A 164 7.13 -0.83 -17.58
N VAL A 165 6.28 0.19 -17.51
CA VAL A 165 6.04 0.92 -16.27
C VAL A 165 4.56 0.76 -15.92
N THR A 166 4.28 0.38 -14.67
CA THR A 166 2.91 0.31 -14.17
C THR A 166 2.72 1.29 -13.04
N SER A 167 1.45 1.58 -12.73
CA SER A 167 1.12 2.42 -11.58
C SER A 167 -0.06 1.80 -10.85
N VAL A 168 -0.11 1.99 -9.53
CA VAL A 168 -1.15 1.35 -8.72
C VAL A 168 -2.51 2.01 -8.86
N SER A 169 -2.62 3.14 -9.57
CA SER A 169 -3.93 3.69 -9.89
C SER A 169 -3.85 4.51 -11.18
N LYS A 170 -5.02 4.83 -11.75
CA LYS A 170 -5.04 5.69 -12.94
C LYS A 170 -4.65 7.12 -12.57
N SER A 171 -5.09 7.57 -11.39
CA SER A 171 -4.70 8.88 -10.89
C SER A 171 -3.19 9.03 -10.84
N LEU A 172 -2.50 8.01 -10.32
CA LEU A 172 -1.05 8.10 -10.24
C LEU A 172 -0.41 8.14 -11.63
N ALA A 173 -0.94 7.37 -12.59
CA ALA A 173 -0.39 7.45 -13.94
C ALA A 173 -0.53 8.87 -14.51
N GLN A 174 -1.67 9.49 -14.28
CA GLN A 174 -1.94 10.85 -14.75
C GLN A 174 -0.98 11.87 -14.10
N GLU A 175 -0.89 11.81 -12.80
CA GLU A 175 -0.02 12.65 -12.02
C GLU A 175 1.46 12.50 -12.43
N THR A 176 1.89 11.30 -12.73
CA THR A 176 3.23 11.05 -13.16
C THR A 176 3.51 11.80 -14.47
N HIS A 177 2.61 11.67 -15.43
CA HIS A 177 2.76 12.37 -16.70
C HIS A 177 2.80 13.85 -16.55
N GLU A 178 2.07 14.37 -15.61
CA GLU A 178 2.01 15.77 -15.35
C GLU A 178 3.29 16.31 -14.73
N ILE A 179 3.80 15.61 -13.75
CA ILE A 179 4.93 16.02 -13.01
C ILE A 179 6.31 15.64 -13.58
N ILE A 180 6.39 14.52 -14.23
CA ILE A 180 7.62 14.02 -14.77
C ILE A 180 7.83 14.47 -16.19
N GLU A 181 6.80 14.62 -16.95
CA GLU A 181 6.93 15.13 -18.31
C GLU A 181 7.63 14.07 -19.17
N THR A 182 6.91 12.99 -19.42
CA THR A 182 7.44 11.86 -20.18
C THR A 182 6.34 11.31 -21.07
N ASN A 183 6.70 10.78 -22.20
CA ASN A 183 5.75 10.18 -23.08
C ASN A 183 5.59 8.67 -22.80
N LYS A 184 6.36 8.14 -21.84
CA LYS A 184 6.33 6.76 -21.51
C LYS A 184 4.96 6.24 -21.13
N GLU A 185 4.55 5.16 -21.73
CA GLU A 185 3.30 4.53 -21.39
C GLU A 185 3.32 3.96 -19.95
N ILE A 186 2.33 4.31 -19.18
CA ILE A 186 2.23 3.83 -17.80
C ILE A 186 0.93 3.04 -17.69
N ILE A 187 1.06 1.76 -17.32
CA ILE A 187 -0.08 0.84 -17.31
C ILE A 187 -0.66 0.85 -15.90
N PRO A 188 -1.89 1.32 -15.70
CA PRO A 188 -2.50 1.20 -14.36
C PRO A 188 -2.82 -0.26 -14.07
N ILE A 189 -2.27 -0.77 -12.96
CA ILE A 189 -2.62 -2.08 -12.44
C ILE A 189 -2.86 -1.91 -10.95
N TYR A 190 -4.11 -2.16 -10.53
CA TYR A 190 -4.53 -1.88 -9.16
C TYR A 190 -3.82 -2.79 -8.15
N ASN A 191 -3.83 -2.35 -6.89
CA ASN A 191 -3.41 -3.18 -5.78
C ASN A 191 -4.51 -4.20 -5.47
N PHE A 192 -4.17 -5.15 -4.59
CA PHE A 192 -5.01 -6.27 -4.20
C PHE A 192 -4.66 -6.66 -2.78
N VAL A 193 -5.52 -7.48 -2.16
CA VAL A 193 -5.19 -8.13 -0.90
C VAL A 193 -5.35 -9.62 -1.12
N ARG A 194 -4.59 -10.41 -0.37
CA ARG A 194 -4.74 -11.86 -0.44
C ARG A 194 -5.95 -12.24 0.39
N GLU A 195 -6.92 -12.86 -0.28
CA GLU A 195 -8.26 -12.99 0.29
C GLU A 195 -8.24 -13.81 1.58
N ASN A 196 -7.44 -14.87 1.64
CA ASN A 196 -7.44 -15.67 2.87
C ASN A 196 -6.72 -14.98 4.03
N GLU A 197 -5.93 -13.93 3.77
CA GLU A 197 -5.39 -13.12 4.86
C GLU A 197 -6.43 -12.20 5.47
N PHE A 198 -7.52 -11.94 4.75
CA PHE A 198 -8.55 -11.00 5.20
C PHE A 198 -9.91 -11.65 4.98
N PRO A 199 -10.25 -12.64 5.79
CA PRO A 199 -11.59 -13.24 5.72
C PRO A 199 -12.67 -12.18 5.97
N THR A 200 -13.75 -12.28 5.22
CA THR A 200 -14.88 -11.38 5.43
C THR A 200 -15.65 -11.85 6.65
N LYS A 201 -15.44 -11.19 7.79
CA LYS A 201 -16.11 -11.64 9.00
C LYS A 201 -16.04 -10.53 10.04
N HIS A 202 -17.03 -10.52 10.93
CA HIS A 202 -17.08 -9.64 12.07
C HIS A 202 -16.88 -10.47 13.33
N ASN A 203 -16.10 -9.94 14.28
CA ASN A 203 -15.83 -10.63 15.53
C ASN A 203 -15.76 -9.60 16.66
N THR A 204 -16.58 -9.78 17.69
CA THR A 204 -16.56 -8.87 18.83
C THR A 204 -15.80 -9.44 20.02
N ALA A 205 -15.18 -10.62 19.88
CA ALA A 205 -14.57 -11.31 21.01
C ALA A 205 -13.41 -10.50 21.60
N LEU A 206 -12.61 -9.86 20.76
CA LEU A 206 -11.46 -9.10 21.23
C LEU A 206 -11.81 -7.69 21.70
N LYS A 207 -13.06 -7.24 21.53
CA LYS A 207 -13.38 -5.86 21.83
C LYS A 207 -13.15 -5.55 23.30
N SER A 208 -13.61 -6.44 24.19
CA SER A 208 -13.53 -6.17 25.62
C SER A 208 -12.09 -6.04 26.10
N GLN A 209 -11.21 -6.96 25.65
CA GLN A 209 -9.77 -6.87 25.88
C GLN A 209 -9.23 -5.45 25.73
N PHE A 210 -9.64 -4.79 24.66
CA PHE A 210 -9.13 -3.47 24.32
C PHE A 210 -10.01 -2.35 24.86
N GLY A 211 -10.87 -2.67 25.83
CA GLY A 211 -11.68 -1.65 26.46
C GLY A 211 -12.79 -1.11 25.60
N ILE A 212 -13.36 -1.94 24.73
CA ILE A 212 -14.47 -1.55 23.87
C ILE A 212 -15.68 -2.39 24.27
N ALA A 213 -16.77 -1.77 24.63
CA ALA A 213 -17.96 -2.53 24.94
C ALA A 213 -18.42 -3.27 23.68
N PRO A 214 -18.83 -4.50 23.83
CA PRO A 214 -19.25 -5.38 22.74
C PRO A 214 -20.19 -4.81 21.65
N ASP A 215 -21.10 -3.94 22.03
CA ASP A 215 -22.01 -3.29 21.16
C ASP A 215 -21.52 -2.01 20.54
N GLU A 216 -20.55 -1.31 21.17
CA GLU A 216 -20.03 0.00 20.80
C GLU A 216 -19.61 0.09 19.36
N LYS A 217 -19.90 1.18 18.69
CA LYS A 217 -19.46 1.32 17.30
C LYS A 217 -17.97 1.66 17.27
N VAL A 218 -17.25 1.11 16.29
CA VAL A 218 -15.80 1.27 16.19
C VAL A 218 -15.44 1.85 14.84
N LEU A 219 -14.73 2.98 14.85
CA LEU A 219 -14.10 3.53 13.67
C LEU A 219 -12.60 3.22 13.74
N ILE A 220 -12.00 2.85 12.60
CA ILE A 220 -10.59 2.48 12.60
C ILE A 220 -9.85 3.28 11.54
N HIS A 221 -8.60 3.65 11.85
CA HIS A 221 -7.67 4.20 10.89
C HIS A 221 -6.31 3.57 11.14
N VAL A 222 -5.61 3.24 10.04
CA VAL A 222 -4.34 2.51 10.06
C VAL A 222 -3.38 3.25 9.15
N SER A 223 -2.28 3.78 9.70
CA SER A 223 -1.31 4.47 8.84
C SER A 223 0.02 4.66 9.54
N ASN A 224 0.93 5.34 8.83
CA ASN A 224 2.26 5.72 9.29
C ASN A 224 2.26 7.06 10.03
N PHE A 225 1.09 7.65 10.28
CA PHE A 225 0.99 8.86 11.10
C PHE A 225 1.82 10.02 10.51
N ARG A 226 1.96 10.08 9.20
CA ARG A 226 2.54 11.26 8.59
C ARG A 226 1.47 12.33 8.38
N GLN A 227 1.92 13.59 8.22
CA GLN A 227 0.98 14.70 8.08
C GLN A 227 0.06 14.52 6.89
N VAL A 228 0.56 13.91 5.80
CA VAL A 228 -0.24 13.67 4.61
C VAL A 228 -1.47 12.80 4.88
N LYS A 229 -1.47 12.04 5.98
CA LYS A 229 -2.63 11.19 6.27
C LYS A 229 -3.80 11.97 6.85
N ARG A 230 -3.58 13.22 7.26
CA ARG A 230 -4.64 14.09 7.79
C ARG A 230 -5.41 13.39 8.92
N ILE A 231 -4.67 12.82 9.87
CA ILE A 231 -5.31 12.25 11.05
C ILE A 231 -6.01 13.33 11.87
N ASP A 232 -5.60 14.60 11.71
CA ASP A 232 -6.37 15.69 12.32
C ASP A 232 -7.80 15.71 11.81
N THR A 233 -8.01 15.53 10.50
CA THR A 233 -9.37 15.46 9.98
C THR A 233 -10.12 14.24 10.52
N ILE A 234 -9.39 13.13 10.70
CA ILE A 234 -10.01 11.90 11.20
C ILE A 234 -10.46 12.06 12.65
N ILE A 235 -9.63 12.67 13.49
CA ILE A 235 -10.00 12.88 14.88
C ILE A 235 -11.11 13.92 15.00
N GLU A 236 -11.07 14.96 14.15
CA GLU A 236 -12.16 15.94 14.14
C GLU A 236 -13.47 15.31 13.70
N THR A 237 -13.41 14.48 12.66
CA THR A 237 -14.57 13.69 12.25
C THR A 237 -15.11 12.86 13.41
N PHE A 238 -14.23 12.12 14.09
CA PHE A 238 -14.67 11.26 15.18
C PHE A 238 -15.31 12.06 16.30
N ALA A 239 -14.77 13.23 16.62
CA ALA A 239 -15.33 14.04 17.70
C ALA A 239 -16.78 14.40 17.40
N LYS A 240 -17.07 14.76 16.15
CA LYS A 240 -18.45 15.04 15.77
C LYS A 240 -19.32 13.78 15.84
N VAL A 241 -18.78 12.64 15.41
CA VAL A 241 -19.52 11.38 15.53
C VAL A 241 -19.82 11.09 16.99
N ARG A 242 -18.81 11.23 17.85
CA ARG A 242 -18.91 10.77 19.23
C ARG A 242 -20.00 11.50 20.00
N GLU A 243 -20.28 12.76 19.67
CA GLU A 243 -21.32 13.43 20.43
C GLU A 243 -22.72 12.96 20.05
N LYS A 244 -22.89 12.31 18.90
CA LYS A 244 -24.16 11.67 18.58
C LYS A 244 -24.19 10.19 18.93
N ILE A 245 -23.07 9.47 18.79
CA ILE A 245 -23.05 8.02 18.88
C ILE A 245 -21.95 7.58 19.83
N PRO A 246 -22.25 6.80 20.88
CA PRO A 246 -21.19 6.20 21.69
C PRO A 246 -20.34 5.27 20.84
N SER A 247 -19.04 5.51 20.86
CA SER A 247 -18.18 4.89 19.87
C SER A 247 -16.72 5.10 20.29
N LYS A 248 -15.84 4.35 19.63
CA LYS A 248 -14.40 4.41 19.85
C LYS A 248 -13.71 4.59 18.50
N LEU A 249 -12.63 5.37 18.51
CA LEU A 249 -11.75 5.50 17.35
C LEU A 249 -10.47 4.72 17.66
N ILE A 250 -10.19 3.71 16.85
CA ILE A 250 -8.95 2.94 16.97
C ILE A 250 -7.96 3.50 15.96
N LEU A 251 -6.77 3.90 16.43
CA LEU A 251 -5.71 4.36 15.55
C LEU A 251 -4.55 3.38 15.64
N LEU A 252 -4.33 2.63 14.55
CA LEU A 252 -3.22 1.68 14.47
C LEU A 252 -2.06 2.35 13.74
N GLY A 253 -0.86 2.13 14.27
CA GLY A 253 0.36 2.64 13.68
C GLY A 253 1.08 3.58 14.61
N ASP A 254 2.19 4.12 14.09
CA ASP A 254 2.97 5.10 14.82
C ASP A 254 3.68 5.95 13.79
N GLY A 255 4.16 7.11 14.23
CA GLY A 255 4.87 7.99 13.34
C GLY A 255 4.92 9.42 13.84
N PRO A 256 5.30 10.34 12.94
CA PRO A 256 5.67 11.70 13.35
C PRO A 256 4.55 12.49 14.02
N GLU A 257 3.30 12.25 13.63
CA GLU A 257 2.18 13.03 14.14
C GLU A 257 1.55 12.45 15.41
N LEU A 258 2.12 11.39 15.99
CA LEU A 258 1.45 10.72 17.11
C LEU A 258 1.18 11.67 18.27
N VAL A 259 2.20 12.39 18.73
CA VAL A 259 2.06 13.28 19.89
C VAL A 259 1.12 14.45 19.60
N PRO A 260 1.26 15.16 18.47
CA PRO A 260 0.25 16.18 18.15
C PRO A 260 -1.16 15.61 18.06
N MET A 261 -1.32 14.37 17.58
CA MET A 261 -2.67 13.81 17.50
C MET A 261 -3.20 13.45 18.89
N ARG A 262 -2.34 12.99 19.77
CA ARG A 262 -2.73 12.72 21.13
C ARG A 262 -3.23 14.01 21.75
N GLN A 263 -2.48 15.07 21.57
CA GLN A 263 -2.86 16.38 22.10
C GLN A 263 -4.19 16.84 21.52
N LEU A 264 -4.43 16.56 20.23
CA LEU A 264 -5.69 16.96 19.62
C LEU A 264 -6.88 16.25 20.28
N THR A 265 -6.73 14.97 20.61
CA THR A 265 -7.85 14.29 21.27
C THR A 265 -8.17 14.93 22.62
N LYS A 266 -7.18 15.53 23.28
CA LYS A 266 -7.46 16.25 24.51
C LYS A 266 -8.20 17.55 24.25
N GLU A 267 -7.73 18.35 23.28
CA GLU A 267 -8.40 19.61 22.99
C GLU A 267 -9.85 19.40 22.57
N LEU A 268 -10.16 18.28 21.94
CA LEU A 268 -11.53 17.98 21.51
C LEU A 268 -12.30 17.18 22.54
N ASN A 269 -11.68 16.84 23.67
CA ASN A 269 -12.32 16.15 24.78
C ASN A 269 -12.81 14.75 24.39
N VAL A 270 -12.01 14.05 23.57
CA VAL A 270 -12.33 12.67 23.23
C VAL A 270 -11.20 11.73 23.62
N GLU A 271 -10.37 12.14 24.60
CA GLU A 271 -9.15 11.38 24.91
C GLU A 271 -9.47 9.94 25.30
N GLU A 272 -10.48 9.75 26.16
CA GLU A 272 -10.80 8.41 26.60
C GLU A 272 -11.43 7.56 25.51
N ASP A 273 -11.86 8.16 24.39
CA ASP A 273 -12.52 7.41 23.33
C ASP A 273 -11.63 7.14 22.12
N VAL A 274 -10.37 7.59 22.13
CA VAL A 274 -9.46 7.36 21.01
C VAL A 274 -8.37 6.42 21.50
N LEU A 275 -8.24 5.27 20.86
CA LEU A 275 -7.32 4.23 21.30
C LEU A 275 -6.10 4.23 20.38
N PHE A 276 -4.96 4.71 20.90
CA PHE A 276 -3.68 4.66 20.21
C PHE A 276 -3.05 3.30 20.51
N LEU A 277 -3.23 2.34 19.62
CA LEU A 277 -2.84 0.96 19.90
C LEU A 277 -1.43 0.61 19.41
N GLY A 278 -0.72 1.57 18.78
CA GLY A 278 0.62 1.30 18.29
C GLY A 278 0.60 0.51 17.00
N LYS A 279 1.78 0.08 16.56
CA LYS A 279 1.88 -0.72 15.35
C LYS A 279 1.35 -2.13 15.61
N GLN A 280 0.63 -2.67 14.62
CA GLN A 280 0.04 -4.00 14.73
C GLN A 280 0.33 -4.78 13.46
N ASP A 281 0.91 -5.97 13.60
CA ASP A 281 1.11 -6.83 12.45
C ASP A 281 -0.17 -7.52 12.02
N CYS A 282 -0.99 -7.96 12.97
N CYS A 282 -1.00 -7.93 12.97
CA CYS A 282 -2.24 -8.66 12.64
CA CYS A 282 -2.24 -8.65 12.66
C CYS A 282 -3.40 -7.66 12.57
C CYS A 282 -3.41 -7.66 12.58
N VAL A 283 -3.39 -6.87 11.50
CA VAL A 283 -4.43 -5.84 11.33
C VAL A 283 -5.79 -6.48 11.03
N SER A 284 -5.81 -7.67 10.43
CA SER A 284 -7.07 -8.35 10.12
C SER A 284 -7.98 -8.44 11.34
N GLU A 285 -7.41 -8.81 12.48
CA GLU A 285 -8.21 -8.98 13.69
C GLU A 285 -8.79 -7.65 14.16
N PHE A 286 -8.13 -6.53 13.88
CA PHE A 286 -8.71 -5.24 14.24
C PHE A 286 -9.77 -4.81 13.24
N TYR A 287 -9.56 -5.05 11.94
CA TYR A 287 -10.65 -4.78 11.00
C TYR A 287 -11.88 -5.60 11.35
N GLN A 288 -11.68 -6.82 11.85
CA GLN A 288 -12.80 -7.70 12.14
C GLN A 288 -13.69 -7.17 13.27
N LEU A 289 -13.20 -6.26 14.09
CA LEU A 289 -14.01 -5.67 15.14
C LEU A 289 -14.44 -4.24 14.83
N SER A 290 -14.19 -3.76 13.62
CA SER A 290 -14.48 -2.37 13.27
C SER A 290 -15.76 -2.26 12.45
N ASP A 291 -16.39 -1.09 12.54
CA ASP A 291 -17.60 -0.79 11.78
C ASP A 291 -17.35 0.12 10.59
N LEU A 292 -16.44 1.09 10.71
CA LEU A 292 -16.06 1.97 9.61
C LEU A 292 -14.54 2.07 9.55
N VAL A 293 -14.00 2.27 8.34
CA VAL A 293 -12.58 2.57 8.16
C VAL A 293 -12.48 3.95 7.51
N LEU A 294 -11.50 4.73 7.96
CA LEU A 294 -11.30 6.09 7.47
C LEU A 294 -9.89 6.23 6.91
N LEU A 295 -9.80 6.82 5.71
CA LEU A 295 -8.53 7.19 5.10
C LEU A 295 -8.79 8.52 4.41
N LEU A 296 -8.44 9.63 5.08
CA LEU A 296 -8.80 10.97 4.63
C LEU A 296 -7.57 11.74 4.14
N SER A 297 -6.64 11.02 3.58
CA SER A 297 -5.38 11.55 3.13
C SER A 297 -5.44 12.69 2.11
N GLU A 298 -4.46 13.55 2.18
CA GLU A 298 -4.28 14.66 1.26
C GLU A 298 -3.71 14.17 -0.08
N LYS A 299 -2.87 13.15 -0.02
CA LYS A 299 -2.28 12.51 -1.18
C LYS A 299 -2.33 11.01 -0.91
N GLU A 300 -2.69 10.23 -1.91
CA GLU A 300 -2.79 8.78 -1.72
C GLU A 300 -2.96 8.09 -3.06
N SER A 301 -1.97 7.31 -3.49
CA SER A 301 -2.04 6.69 -4.80
C SER A 301 -3.10 5.60 -4.88
N PHE A 302 -3.31 4.85 -3.80
CA PHE A 302 -4.29 3.78 -3.81
C PHE A 302 -5.04 3.77 -2.48
N GLY A 303 -4.36 3.36 -1.40
CA GLY A 303 -4.98 3.28 -0.09
C GLY A 303 -5.24 1.85 0.34
N LEU A 304 -4.17 1.10 0.55
CA LEU A 304 -4.31 -0.34 0.77
C LEU A 304 -5.10 -0.66 2.03
N THR A 305 -4.97 0.16 3.09
CA THR A 305 -5.73 -0.11 4.31
C THR A 305 -7.23 -0.09 4.05
N LEU A 306 -7.69 0.77 3.13
CA LEU A 306 -9.10 0.73 2.73
C LEU A 306 -9.48 -0.65 2.21
N LEU A 307 -8.67 -1.19 1.29
CA LEU A 307 -9.03 -2.47 0.66
C LEU A 307 -8.96 -3.61 1.67
N GLU A 308 -7.97 -3.58 2.56
CA GLU A 308 -7.89 -4.60 3.60
C GLU A 308 -9.15 -4.59 4.46
N ALA A 309 -9.60 -3.40 4.85
CA ALA A 309 -10.81 -3.28 5.66
C ALA A 309 -12.05 -3.67 4.86
N MET A 310 -12.15 -3.19 3.62
CA MET A 310 -13.29 -3.51 2.77
C MET A 310 -13.43 -5.01 2.56
N LYS A 311 -12.31 -5.70 2.29
CA LYS A 311 -12.37 -7.15 2.14
C LYS A 311 -12.85 -7.82 3.43
N THR A 312 -12.47 -7.27 4.58
CA THR A 312 -12.98 -7.76 5.85
C THR A 312 -14.48 -7.53 6.00
N GLY A 313 -15.03 -6.57 5.28
CA GLY A 313 -16.44 -6.24 5.36
C GLY A 313 -16.73 -4.88 5.95
N VAL A 314 -15.70 -4.07 6.17
CA VAL A 314 -15.83 -2.76 6.80
C VAL A 314 -16.07 -1.71 5.73
N VAL A 315 -17.14 -0.94 5.88
CA VAL A 315 -17.51 0.09 4.91
C VAL A 315 -16.60 1.31 5.06
N PRO A 316 -16.09 1.88 3.94
CA PRO A 316 -15.09 2.96 4.05
C PRO A 316 -15.62 4.38 3.84
N ILE A 317 -14.95 5.34 4.47
CA ILE A 317 -15.06 6.75 4.14
C ILE A 317 -13.66 7.24 3.82
N GLY A 318 -13.48 7.81 2.64
CA GLY A 318 -12.18 8.30 2.21
C GLY A 318 -12.27 9.73 1.73
N SER A 319 -11.09 10.33 1.54
CA SER A 319 -11.04 11.60 0.84
C SER A 319 -11.10 11.36 -0.67
N ASN A 320 -11.18 12.44 -1.45
CA ASN A 320 -11.14 12.30 -2.90
C ASN A 320 -9.73 12.44 -3.47
N ALA A 321 -8.70 12.31 -2.63
CA ALA A 321 -7.33 12.41 -3.13
C ALA A 321 -6.94 11.18 -3.93
N GLY A 322 -6.27 11.42 -5.05
CA GLY A 322 -5.54 10.36 -5.74
C GLY A 322 -6.41 9.17 -6.08
N GLY A 323 -5.91 7.98 -5.78
CA GLY A 323 -6.61 6.74 -6.09
C GLY A 323 -7.73 6.35 -5.14
N ILE A 324 -7.91 7.08 -4.03
CA ILE A 324 -8.95 6.67 -3.08
C ILE A 324 -10.32 6.69 -3.76
N LYS A 325 -10.56 7.68 -4.63
CA LYS A 325 -11.81 7.75 -5.38
C LYS A 325 -11.91 6.72 -6.50
N GLU A 326 -10.86 5.95 -6.77
CA GLU A 326 -10.97 4.77 -7.61
C GLU A 326 -11.29 3.52 -6.80
N VAL A 327 -10.77 3.45 -5.57
CA VAL A 327 -11.04 2.31 -4.70
C VAL A 327 -12.49 2.35 -4.22
N ILE A 328 -12.93 3.51 -3.75
CA ILE A 328 -14.29 3.71 -3.26
C ILE A 328 -15.14 4.25 -4.39
N LYS A 329 -16.33 3.67 -4.58
CA LYS A 329 -17.34 4.23 -5.48
C LYS A 329 -18.32 5.02 -4.63
N HIS A 330 -18.20 6.35 -4.69
CA HIS A 330 -18.97 7.24 -3.83
C HIS A 330 -20.46 6.94 -3.95
N GLY A 331 -21.10 6.71 -2.80
CA GLY A 331 -22.51 6.41 -2.78
C GLY A 331 -22.88 4.99 -3.11
N GLU A 332 -21.94 4.16 -3.58
CA GLU A 332 -22.22 2.77 -3.92
C GLU A 332 -21.52 1.77 -3.02
N THR A 333 -20.23 1.96 -2.75
CA THR A 333 -19.47 1.02 -1.92
C THR A 333 -18.83 1.73 -0.72
N GLY A 334 -19.18 2.99 -0.51
CA GLY A 334 -18.62 3.81 0.55
C GLY A 334 -18.89 5.26 0.19
N PHE A 335 -18.21 6.16 0.89
CA PHE A 335 -18.34 7.59 0.62
C PHE A 335 -16.98 8.24 0.50
N VAL A 336 -16.93 9.29 -0.32
CA VAL A 336 -15.74 10.09 -0.55
C VAL A 336 -16.06 11.54 -0.19
N VAL A 337 -15.14 12.22 0.50
CA VAL A 337 -15.31 13.62 0.87
C VAL A 337 -14.10 14.42 0.42
N ASP A 338 -14.26 15.72 0.33
CA ASP A 338 -13.17 16.60 0.01
C ASP A 338 -12.15 16.52 1.15
N VAL A 339 -10.90 16.67 0.83
CA VAL A 339 -9.83 16.70 1.77
C VAL A 339 -10.12 17.76 2.83
N GLY A 340 -10.06 17.36 4.07
CA GLY A 340 -10.30 18.19 5.22
C GLY A 340 -11.74 18.42 5.62
N ASP A 341 -12.67 17.80 4.93
CA ASP A 341 -14.09 18.05 5.21
C ASP A 341 -14.58 17.08 6.28
N CYS A 342 -14.27 17.42 7.54
CA CYS A 342 -14.75 16.60 8.64
C CYS A 342 -16.25 16.76 8.88
N ASP A 343 -16.86 17.83 8.38
CA ASP A 343 -18.31 17.96 8.47
C ASP A 343 -19.02 16.88 7.65
N SER A 344 -18.66 16.76 6.37
CA SER A 344 -19.28 15.74 5.53
C SER A 344 -18.89 14.34 5.98
N ALA A 345 -17.62 14.15 6.37
CA ALA A 345 -17.19 12.82 6.78
C ALA A 345 -17.98 12.34 7.99
N SER A 346 -18.19 13.23 8.96
CA SER A 346 -18.93 12.82 10.16
C SER A 346 -20.41 12.60 9.84
N ASP A 347 -20.97 13.41 8.93
CA ASP A 347 -22.34 13.20 8.49
C ASP A 347 -22.52 11.81 7.91
N TYR A 348 -21.65 11.42 6.99
CA TYR A 348 -21.71 10.07 6.43
C TYR A 348 -21.50 9.01 7.51
N ALA A 349 -20.55 9.24 8.42
CA ALA A 349 -20.25 8.24 9.42
C ALA A 349 -21.43 8.03 10.36
N ILE A 350 -22.07 9.13 10.78
CA ILE A 350 -23.24 9.03 11.64
C ILE A 350 -24.36 8.26 10.94
N ARG A 351 -24.59 8.56 9.66
CA ARG A 351 -25.63 7.84 8.91
C ARG A 351 -25.31 6.36 8.85
N LEU A 352 -24.07 6.00 8.48
CA LEU A 352 -23.72 4.58 8.39
C LEU A 352 -23.83 3.89 9.73
N LEU A 353 -23.51 4.58 10.83
CA LEU A 353 -23.59 3.94 12.12
C LEU A 353 -25.01 3.88 12.67
N GLU A 354 -25.93 4.69 12.13
CA GLU A 354 -27.33 4.64 12.54
C GLU A 354 -28.22 3.83 11.61
N ASP A 355 -27.80 3.60 10.38
CA ASP A 355 -28.68 3.10 9.33
C ASP A 355 -28.12 1.77 8.84
N LYS A 356 -28.69 0.66 9.33
CA LYS A 356 -28.25 -0.67 8.93
C LYS A 356 -28.64 -0.99 7.49
N VAL A 357 -29.71 -0.38 6.98
CA VAL A 357 -30.12 -0.60 5.58
C VAL A 357 -29.05 -0.04 4.64
N LEU A 358 -28.66 1.22 4.85
CA LEU A 358 -27.60 1.82 4.04
C LEU A 358 -26.30 1.02 4.20
N TYR A 359 -25.93 0.72 5.44
CA TYR A 359 -24.69 0.00 5.70
C TYR A 359 -24.67 -1.34 4.98
N ASN A 360 -25.74 -2.13 5.12
CA ASN A 360 -25.78 -3.43 4.47
C ASN A 360 -25.71 -3.31 2.95
N LYS A 361 -26.34 -2.27 2.40
CA LYS A 361 -26.35 -2.15 0.94
C LYS A 361 -24.97 -1.78 0.41
N LEU A 362 -24.32 -0.78 1.01
CA LEU A 362 -22.97 -0.43 0.58
C LEU A 362 -22.02 -1.61 0.78
N GLN A 363 -22.14 -2.30 1.91
CA GLN A 363 -21.26 -3.44 2.19
C GLN A 363 -21.45 -4.55 1.16
N LYS A 364 -22.68 -4.82 0.77
CA LYS A 364 -22.93 -5.84 -0.25
C LYS A 364 -22.34 -5.42 -1.59
N ASN A 365 -22.63 -4.20 -2.04
CA ASN A 365 -22.03 -3.66 -3.26
C ASN A 365 -20.51 -3.73 -3.20
N MET A 366 -19.95 -3.35 -2.05
CA MET A 366 -18.50 -3.26 -1.88
C MET A 366 -17.84 -4.62 -2.03
N LEU A 367 -18.39 -5.64 -1.37
CA LEU A 367 -17.77 -6.96 -1.44
C LEU A 367 -17.79 -7.52 -2.85
N ALA A 368 -18.86 -7.24 -3.61
CA ALA A 368 -18.87 -7.68 -5.00
C ALA A 368 -17.90 -6.87 -5.84
N ASP A 369 -17.87 -5.55 -5.63
CA ASP A 369 -17.01 -4.69 -6.43
C ASP A 369 -15.53 -5.05 -6.26
N ILE A 370 -15.07 -5.21 -5.02
CA ILE A 370 -13.64 -5.45 -4.84
C ILE A 370 -13.24 -6.84 -5.34
N ALA A 371 -14.16 -7.80 -5.30
CA ALA A 371 -13.88 -9.09 -5.94
C ALA A 371 -13.69 -8.92 -7.44
N GLU A 372 -14.48 -8.02 -8.04
CA GLU A 372 -14.46 -7.84 -9.49
C GLU A 372 -13.19 -7.11 -9.94
N ARG A 373 -12.76 -6.09 -9.21
CA ARG A 373 -11.67 -5.24 -9.68
C ARG A 373 -10.34 -5.47 -8.99
N PHE A 374 -10.32 -6.00 -7.76
CA PHE A 374 -9.07 -6.07 -6.99
C PHE A 374 -8.74 -7.49 -6.54
N GLY A 375 -9.36 -8.53 -7.12
CA GLY A 375 -9.05 -9.88 -6.69
C GLY A 375 -7.60 -10.22 -6.96
N SER A 376 -6.98 -10.96 -6.02
CA SER A 376 -5.56 -11.26 -6.16
C SER A 376 -5.26 -12.07 -7.43
N GLU A 377 -6.17 -12.98 -7.82
CA GLU A 377 -5.93 -13.76 -9.03
C GLU A 377 -5.94 -12.89 -10.27
N LEU A 378 -6.92 -11.99 -10.35
CA LEU A 378 -7.03 -11.09 -11.50
C LEU A 378 -5.81 -10.18 -11.60
N ILE A 379 -5.38 -9.60 -10.48
CA ILE A 379 -4.26 -8.66 -10.54
C ILE A 379 -2.97 -9.40 -10.90
N THR A 380 -2.75 -10.57 -10.28
CA THR A 380 -1.58 -11.37 -10.63
C THR A 380 -1.58 -11.72 -12.12
N ASP A 381 -2.75 -12.08 -12.67
CA ASP A 381 -2.85 -12.33 -14.11
C ASP A 381 -2.41 -11.10 -14.90
N GLN A 382 -2.75 -9.90 -14.43
CA GLN A 382 -2.40 -8.70 -15.20
C GLN A 382 -0.89 -8.47 -15.19
N TYR A 383 -0.26 -8.53 -14.00
CA TYR A 383 1.19 -8.43 -13.95
C TYR A 383 1.85 -9.49 -14.82
N GLU A 384 1.38 -10.75 -14.70
CA GLU A 384 1.94 -11.85 -15.48
C GLU A 384 1.82 -11.59 -16.97
N TYR A 385 0.67 -11.07 -17.41
CA TYR A 385 0.49 -10.71 -18.82
C TYR A 385 1.55 -9.73 -19.28
N TYR A 386 1.82 -8.69 -18.49
CA TYR A 386 2.77 -7.69 -18.94
C TYR A 386 4.22 -8.17 -18.78
N TYR A 387 4.52 -9.03 -17.81
CA TYR A 387 5.83 -9.71 -17.81
C TYR A 387 6.06 -10.37 -19.16
N GLN A 388 5.09 -11.15 -19.62
CA GLN A 388 5.26 -11.89 -20.86
C GLN A 388 5.31 -10.95 -22.06
N LYS A 389 4.52 -9.89 -22.01
CA LYS A 389 4.54 -8.91 -23.09
C LYS A 389 5.94 -8.33 -23.26
N MET A 390 6.59 -7.94 -22.16
CA MET A 390 7.89 -7.31 -22.38
C MET A 390 8.96 -8.34 -22.71
N LEU A 391 8.78 -9.59 -22.29
CA LEU A 391 9.71 -10.64 -22.69
C LEU A 391 9.62 -10.94 -24.19
N ASN A 392 8.48 -10.67 -24.81
CA ASN A 392 8.29 -10.91 -26.24
C ASN A 392 8.58 -9.69 -27.09
N GLU A 393 9.07 -8.59 -26.51
CA GLU A 393 9.38 -7.37 -27.26
C GLU A 393 10.88 -7.07 -27.25
#